data_2Y5J
#
_entry.id   2Y5J
#
_cell.length_a   73.952
_cell.length_b   89.433
_cell.length_c   87.596
_cell.angle_alpha   90.00
_cell.angle_beta   90.00
_cell.angle_gamma   90.00
#
_symmetry.space_group_name_H-M   'C 2 2 21'
#
loop_
_entity.id
_entity.type
_entity.pdbx_description
1 polymer 'DIHYDROPTEROATE SYNTHASE'
2 non-polymer 1,2-ETHANEDIOL
3 water water
#
_entity_poly.entity_id   1
_entity_poly.type   'polypeptide(L)'
_entity_poly.pdbx_seq_one_letter_code
;GHMSTFLPAPLQCGRFELTFERPLVMGILNATPDSFSDGGRFLARDDALRRAERMIAEGADLLDIGGESTRPGAPPVPLD
EELARVIPLVEALRPLNVPLSIDTYKPAVMRAALAAGADLINDIWGFRQPGAIDAVRDGNSGLCAMHMLGEPQTMQVGEP
DYGDVVTDVRDFLAARAQALRDAGVAAERICVDPGFGFGKAVVDDNYALLAALPDTAPARPDGRAYPILAGMSRKSMLGA
VIGGKPPLERVAASVAAALCAVERGAAIVRVHDVAATVDALSVWNAVRAAARQR
;
_entity_poly.pdbx_strand_id   A
#
loop_
_chem_comp.id
_chem_comp.type
_chem_comp.name
_chem_comp.formula
EDO non-polymer 1,2-ETHANEDIOL 'C2 H6 O2'
#
# COMPACT_ATOMS: atom_id res chain seq x y z
N THR A 5 19.38 -2.58 10.32
CA THR A 5 19.63 -2.44 8.84
C THR A 5 19.58 -3.73 7.99
N PHE A 6 18.41 -3.87 7.37
CA PHE A 6 18.12 -4.74 6.24
C PHE A 6 17.58 -3.78 5.17
N LEU A 7 17.63 -4.19 3.90
CA LEU A 7 17.18 -3.33 2.80
C LEU A 7 16.04 -3.99 2.01
N PRO A 8 14.87 -3.33 1.96
CA PRO A 8 13.76 -3.90 1.21
C PRO A 8 14.12 -3.85 -0.28
N ALA A 9 13.70 -4.86 -1.03
CA ALA A 9 13.95 -4.95 -2.46
C ALA A 9 13.35 -3.79 -3.29
N PRO A 10 14.03 -3.45 -4.41
CA PRO A 10 13.50 -2.29 -5.12
C PRO A 10 12.15 -2.54 -5.76
N LEU A 11 11.44 -1.46 -6.04
CA LEU A 11 10.15 -1.60 -6.71
C LEU A 11 10.18 -0.74 -7.96
N GLN A 12 10.04 -1.41 -9.11
CA GLN A 12 9.82 -0.71 -10.37
C GLN A 12 8.42 -0.14 -10.27
N CYS A 13 8.25 1.16 -10.42
CA CYS A 13 6.89 1.63 -10.25
C CYS A 13 6.60 2.74 -11.23
N GLY A 14 6.25 2.37 -12.45
CA GLY A 14 5.83 3.33 -13.46
C GLY A 14 7.04 4.13 -13.90
N ARG A 15 6.94 5.45 -13.81
CA ARG A 15 8.02 6.37 -14.18
C ARG A 15 9.26 6.22 -13.31
N PHE A 16 9.14 5.59 -12.14
CA PHE A 16 10.14 5.68 -11.08
C PHE A 16 10.71 4.33 -10.69
N GLU A 17 12.02 4.27 -10.56
CA GLU A 17 12.67 3.08 -10.05
C GLU A 17 12.85 3.46 -8.57
N LEU A 18 12.21 2.71 -7.66
CA LEU A 18 12.13 3.19 -6.30
C LEU A 18 12.99 2.21 -5.57
N THR A 19 13.81 2.78 -4.69
CA THR A 19 14.75 2.00 -3.90
CA THR A 19 14.80 2.05 -3.91
C THR A 19 14.60 2.44 -2.44
N PHE A 20 14.81 1.52 -1.52
CA PHE A 20 14.38 1.74 -0.13
C PHE A 20 15.49 1.86 0.90
N GLU A 21 16.50 2.66 0.60
CA GLU A 21 17.53 3.01 1.57
C GLU A 21 16.88 3.63 2.80
N ARG A 22 15.84 4.43 2.60
CA ARG A 22 14.91 4.80 3.66
C ARG A 22 13.49 4.40 3.24
N PRO A 23 12.65 4.04 4.21
CA PRO A 23 11.32 3.66 3.75
C PRO A 23 10.56 4.90 3.29
N LEU A 24 9.57 4.72 2.42
CA LEU A 24 8.94 5.87 1.81
C LEU A 24 7.56 6.14 2.40
N VAL A 25 7.07 7.37 2.27
CA VAL A 25 5.76 7.69 2.79
C VAL A 25 4.73 7.88 1.67
N MET A 26 3.65 7.11 1.72
CA MET A 26 2.49 7.32 0.86
C MET A 26 1.43 8.16 1.54
N GLY A 27 1.27 9.40 1.10
CA GLY A 27 0.18 10.24 1.58
C GLY A 27 -1.14 9.86 0.95
N ILE A 28 -2.19 9.80 1.75
CA ILE A 28 -3.53 9.45 1.30
C ILE A 28 -4.27 10.76 0.99
N LEU A 29 -4.70 10.94 -0.26
CA LEU A 29 -5.29 12.22 -0.69
C LEU A 29 -6.77 12.39 -0.31
N ASN A 30 -7.63 11.53 -0.86
CA ASN A 30 -9.04 11.43 -0.48
C ASN A 30 -9.29 11.06 0.99
N ALA A 44 -14.58 17.75 -4.00
CA ALA A 44 -14.16 18.94 -4.74
C ALA A 44 -12.77 18.75 -5.35
N ARG A 45 -12.62 19.06 -6.63
CA ARG A 45 -11.43 18.75 -7.41
C ARG A 45 -10.22 19.67 -7.20
N ASP A 46 -10.47 20.93 -6.88
CA ASP A 46 -9.40 21.89 -6.62
C ASP A 46 -8.94 21.77 -5.18
N ASP A 47 -9.93 21.58 -4.30
CA ASP A 47 -9.70 21.20 -2.91
C ASP A 47 -8.53 20.22 -2.93
N ALA A 48 -8.66 19.15 -3.70
CA ALA A 48 -7.68 18.07 -3.73
C ALA A 48 -6.46 18.33 -4.63
N LEU A 49 -6.53 19.29 -5.55
CA LEU A 49 -5.35 19.68 -6.31
C LEU A 49 -4.25 20.15 -5.35
N ARG A 50 -4.54 21.17 -4.54
CA ARG A 50 -3.49 21.76 -3.71
C ARG A 50 -3.30 21.06 -2.36
N ARG A 51 -4.25 20.22 -1.97
CA ARG A 51 -4.05 19.27 -0.87
C ARG A 51 -2.84 18.37 -1.13
N ALA A 52 -2.51 18.13 -2.39
CA ALA A 52 -1.39 17.32 -2.88
C ALA A 52 -0.11 18.11 -3.03
N GLU A 53 -0.20 19.42 -3.09
CA GLU A 53 1.02 20.23 -3.14
C GLU A 53 1.58 20.34 -1.72
N ARG A 54 0.67 20.47 -0.77
CA ARG A 54 0.96 20.39 0.66
C ARG A 54 1.62 19.06 1.07
N MET A 55 1.06 17.93 0.65
CA MET A 55 1.55 16.61 1.02
C MET A 55 2.99 16.38 0.58
N ILE A 56 3.28 16.74 -0.66
CA ILE A 56 4.63 16.73 -1.19
C ILE A 56 5.59 17.61 -0.39
N ALA A 57 5.11 18.76 0.04
CA ALA A 57 5.93 19.74 0.78
C ALA A 57 6.20 19.17 2.17
N GLU A 58 5.15 18.66 2.81
CA GLU A 58 5.23 17.85 4.02
C GLU A 58 6.13 16.61 3.98
N GLY A 59 6.64 16.17 2.84
CA GLY A 59 7.52 15.01 2.75
C GLY A 59 6.95 13.73 2.15
N ALA A 60 5.71 13.80 1.66
CA ALA A 60 5.11 12.67 0.96
C ALA A 60 5.96 12.23 -0.24
N ASP A 61 6.24 10.95 -0.40
CA ASP A 61 7.08 10.47 -1.50
C ASP A 61 6.23 9.87 -2.62
N LEU A 62 4.97 9.59 -2.31
CA LEU A 62 3.96 9.06 -3.21
C LEU A 62 2.62 9.64 -2.75
N LEU A 63 1.65 9.60 -3.64
CA LEU A 63 0.32 10.13 -3.37
C LEU A 63 -0.68 9.05 -3.72
N ASP A 64 -1.62 8.80 -2.81
CA ASP A 64 -2.57 7.73 -3.02
C ASP A 64 -3.93 8.35 -3.35
N ILE A 65 -4.24 8.30 -4.64
CA ILE A 65 -5.48 8.85 -5.18
C ILE A 65 -6.61 7.83 -5.05
N GLY A 66 -7.48 7.98 -4.07
CA GLY A 66 -8.49 6.94 -3.87
C GLY A 66 -9.87 7.38 -4.32
N PRO A 75 -21.79 2.16 0.63
CA PRO A 75 -21.88 2.03 -0.83
C PRO A 75 -20.56 2.28 -1.57
N PRO A 76 -20.42 1.73 -2.79
CA PRO A 76 -19.41 2.13 -3.79
C PRO A 76 -19.99 2.86 -5.00
N VAL A 77 -19.19 3.06 -6.05
CA VAL A 77 -19.58 3.99 -7.12
C VAL A 77 -19.65 3.50 -8.57
N PRO A 78 -20.62 4.03 -9.34
CA PRO A 78 -20.76 3.89 -10.78
C PRO A 78 -19.47 4.17 -11.55
N LEU A 79 -19.11 3.31 -12.49
CA LEU A 79 -17.87 3.50 -13.23
C LEU A 79 -17.82 4.92 -13.79
N ASP A 80 -18.92 5.32 -14.43
CA ASP A 80 -19.17 6.69 -14.89
C ASP A 80 -18.65 7.77 -13.93
N GLU A 81 -18.91 7.58 -12.64
CA GLU A 81 -18.50 8.46 -11.54
C GLU A 81 -17.08 8.23 -11.03
N GLU A 82 -16.74 6.99 -10.67
CA GLU A 82 -15.39 6.71 -10.20
C GLU A 82 -14.39 7.28 -11.18
N LEU A 83 -14.67 7.21 -12.48
CA LEU A 83 -13.77 7.71 -13.52
C LEU A 83 -13.68 9.24 -13.60
N ALA A 84 -14.82 9.91 -13.42
CA ALA A 84 -14.88 11.37 -13.46
C ALA A 84 -14.00 11.97 -12.36
N ARG A 85 -14.00 11.29 -11.22
CA ARG A 85 -13.36 11.80 -10.00
C ARG A 85 -11.90 11.38 -9.86
N VAL A 86 -11.47 10.34 -10.56
CA VAL A 86 -10.09 9.86 -10.46
C VAL A 86 -9.21 10.25 -11.65
N ILE A 87 -9.71 10.10 -12.88
CA ILE A 87 -8.88 10.34 -14.06
C ILE A 87 -8.31 11.74 -14.22
N PRO A 88 -9.07 12.81 -13.94
CA PRO A 88 -8.56 14.19 -13.98
C PRO A 88 -7.43 14.44 -13.00
N LEU A 89 -7.64 13.98 -11.77
CA LEU A 89 -6.58 13.94 -10.76
C LEU A 89 -5.27 13.32 -11.24
N VAL A 90 -5.28 12.18 -11.92
CA VAL A 90 -4.01 11.67 -12.46
C VAL A 90 -3.34 12.62 -13.47
N GLU A 91 -4.14 13.28 -14.31
CA GLU A 91 -3.59 14.17 -15.34
C GLU A 91 -3.24 15.49 -14.67
N ALA A 92 -4.07 15.93 -13.74
CA ALA A 92 -3.76 17.11 -12.93
C ALA A 92 -2.45 17.06 -12.17
N LEU A 93 -2.03 15.88 -11.72
CA LEU A 93 -0.87 15.72 -10.84
C LEU A 93 0.30 15.00 -11.52
N ARG A 94 0.09 14.55 -12.75
CA ARG A 94 1.17 13.89 -13.47
C ARG A 94 2.45 14.73 -13.48
N PRO A 95 2.35 16.07 -13.57
CA PRO A 95 3.59 16.79 -13.87
C PRO A 95 4.43 17.17 -12.65
N LEU A 96 3.85 17.07 -11.46
CA LEU A 96 4.54 17.15 -10.17
C LEU A 96 5.68 16.15 -10.06
N ASN A 97 5.66 15.09 -10.87
CA ASN A 97 6.70 14.07 -10.88
C ASN A 97 6.98 13.32 -9.56
N VAL A 98 5.91 12.94 -8.86
CA VAL A 98 6.00 11.96 -7.77
C VAL A 98 5.12 10.76 -8.07
N PRO A 99 5.59 9.54 -7.72
CA PRO A 99 4.75 8.36 -7.89
C PRO A 99 3.29 8.58 -7.50
N LEU A 100 2.38 8.24 -8.41
CA LEU A 100 0.95 8.47 -8.24
C LEU A 100 0.30 7.10 -8.20
N SER A 101 -0.49 6.83 -7.17
CA SER A 101 -0.92 5.46 -6.92
C SER A 101 -2.43 5.42 -6.97
N ILE A 102 -2.99 4.32 -7.48
CA ILE A 102 -4.44 4.24 -7.58
C ILE A 102 -5.02 3.16 -6.66
N ASP A 103 -6.01 3.53 -5.85
CA ASP A 103 -6.64 2.58 -4.94
C ASP A 103 -7.92 2.13 -5.61
N THR A 104 -7.83 1.04 -6.37
CA THR A 104 -9.01 0.55 -7.07
C THR A 104 -8.78 -0.94 -7.30
N TYR A 105 -9.89 -1.67 -7.37
CA TYR A 105 -10.00 -3.09 -7.69
C TYR A 105 -10.77 -3.34 -9.00
N LYS A 106 -11.45 -2.31 -9.51
CA LYS A 106 -12.10 -2.31 -10.83
C LYS A 106 -11.14 -2.25 -12.03
N PRO A 107 -10.95 -3.39 -12.74
CA PRO A 107 -10.24 -3.37 -14.00
C PRO A 107 -10.47 -2.19 -14.94
N ALA A 108 -11.69 -1.72 -15.19
CA ALA A 108 -11.93 -0.55 -16.05
C ALA A 108 -11.22 0.69 -15.52
N VAL A 109 -11.28 0.84 -14.20
CA VAL A 109 -10.55 1.90 -13.50
C VAL A 109 -9.06 1.71 -13.66
N MET A 110 -8.55 0.48 -13.53
CA MET A 110 -7.12 0.26 -13.67
C MET A 110 -6.59 0.55 -15.07
N ARG A 111 -7.37 0.13 -16.07
CA ARG A 111 -7.10 0.27 -17.49
C ARG A 111 -6.97 1.74 -17.88
N ALA A 112 -7.96 2.51 -17.44
CA ALA A 112 -8.02 3.95 -17.69
C ALA A 112 -6.89 4.72 -17.01
N ALA A 113 -6.70 4.43 -15.72
CA ALA A 113 -5.76 5.18 -14.91
C ALA A 113 -4.37 4.95 -15.46
N LEU A 114 -4.06 3.72 -15.89
CA LEU A 114 -2.72 3.49 -16.42
C LEU A 114 -2.51 4.32 -17.69
N ALA A 115 -3.58 4.47 -18.47
CA ALA A 115 -3.46 5.15 -19.76
C ALA A 115 -3.24 6.62 -19.46
N ALA A 116 -3.89 7.11 -18.42
CA ALA A 116 -3.71 8.52 -18.06
C ALA A 116 -2.34 8.78 -17.41
N GLY A 117 -1.49 7.76 -17.35
CA GLY A 117 -0.19 7.77 -16.66
C GLY A 117 -0.12 7.66 -15.13
N ALA A 118 -0.81 6.71 -14.48
CA ALA A 118 -0.65 6.44 -13.04
C ALA A 118 0.54 5.49 -12.91
N ASP A 119 1.25 5.54 -11.78
CA ASP A 119 2.48 4.77 -11.66
C ASP A 119 2.41 3.44 -10.91
N LEU A 120 1.32 3.22 -10.18
CA LEU A 120 1.18 2.08 -9.28
C LEU A 120 -0.29 1.80 -8.97
N ILE A 121 -0.63 0.53 -9.01
CA ILE A 121 -2.01 0.14 -8.75
C ILE A 121 -2.06 -0.54 -7.39
N ASN A 122 -2.97 -0.08 -6.54
CA ASN A 122 -3.20 -0.61 -5.21
C ASN A 122 -4.55 -1.34 -5.11
N ASP A 123 -4.52 -2.65 -4.99
CA ASP A 123 -5.76 -3.41 -5.15
C ASP A 123 -6.03 -4.35 -3.98
N ILE A 124 -7.01 -3.93 -3.17
CA ILE A 124 -7.53 -4.66 -2.02
C ILE A 124 -7.90 -6.08 -2.42
N TRP A 125 -8.25 -6.24 -3.70
CA TRP A 125 -8.75 -7.53 -4.13
C TRP A 125 -7.63 -8.42 -4.65
N GLY A 126 -6.39 -7.95 -4.73
CA GLY A 126 -5.34 -8.93 -5.00
C GLY A 126 -5.30 -9.30 -6.48
N PHE A 127 -5.80 -8.37 -7.29
CA PHE A 127 -5.93 -8.54 -8.71
C PHE A 127 -6.78 -9.77 -9.02
N ARG A 128 -7.86 -9.93 -8.25
CA ARG A 128 -8.74 -11.08 -8.43
C ARG A 128 -10.01 -10.83 -9.24
N GLN A 129 -10.47 -9.58 -9.32
CA GLN A 129 -11.65 -9.31 -10.11
C GLN A 129 -11.32 -9.70 -11.54
N PRO A 130 -12.32 -10.30 -12.23
CA PRO A 130 -12.11 -10.81 -13.59
C PRO A 130 -11.66 -9.69 -14.55
N GLY A 131 -10.56 -9.95 -15.26
CA GLY A 131 -9.86 -8.93 -16.05
C GLY A 131 -8.74 -8.10 -15.45
N ALA A 132 -8.58 -8.15 -14.12
CA ALA A 132 -7.69 -7.23 -13.42
C ALA A 132 -6.28 -7.47 -13.88
N ILE A 133 -5.89 -8.75 -13.90
CA ILE A 133 -4.54 -9.11 -14.34
C ILE A 133 -4.30 -8.71 -15.78
N ASP A 134 -5.29 -8.90 -16.67
CA ASP A 134 -5.16 -8.48 -18.06
C ASP A 134 -5.04 -6.96 -18.17
N ALA A 135 -5.81 -6.20 -17.40
CA ALA A 135 -5.67 -4.75 -17.42
C ALA A 135 -4.28 -4.20 -17.02
N VAL A 136 -3.46 -4.95 -16.29
CA VAL A 136 -2.21 -4.34 -15.78
C VAL A 136 -0.96 -5.09 -16.20
N ARG A 137 -1.04 -6.14 -17.00
CA ARG A 137 0.13 -6.98 -17.25
C ARG A 137 1.12 -6.27 -18.15
N ASP A 138 0.64 -5.21 -18.79
CA ASP A 138 1.49 -4.43 -19.70
CA ASP A 138 1.35 -4.34 -19.72
C ASP A 138 2.16 -3.27 -18.99
N GLY A 139 3.24 -2.77 -19.59
CA GLY A 139 3.85 -1.54 -19.14
C GLY A 139 4.79 -1.71 -17.96
N ASN A 140 5.08 -0.60 -17.29
CA ASN A 140 6.04 -0.58 -16.20
CA ASN A 140 6.06 -0.45 -16.23
C ASN A 140 5.42 -0.30 -14.84
N SER A 141 4.09 -0.15 -14.78
CA SER A 141 3.49 0.28 -13.52
C SER A 141 3.82 -0.57 -12.29
N GLY A 142 3.82 0.01 -11.10
CA GLY A 142 4.04 -0.80 -9.90
C GLY A 142 2.73 -1.46 -9.53
N LEU A 143 2.83 -2.66 -8.97
CA LEU A 143 1.58 -3.32 -8.58
C LEU A 143 1.55 -3.74 -7.11
N CYS A 144 0.65 -3.24 -6.28
CA CYS A 144 0.65 -3.81 -4.94
C CYS A 144 -0.59 -4.65 -4.66
N ALA A 145 -0.42 -5.96 -4.51
CA ALA A 145 -1.45 -6.92 -4.16
C ALA A 145 -1.60 -7.07 -2.65
N MET A 146 -2.82 -6.78 -2.20
CA MET A 146 -3.18 -6.80 -0.78
C MET A 146 -3.88 -8.12 -0.45
N HIS A 147 -3.73 -8.57 0.79
CA HIS A 147 -4.48 -9.72 1.31
C HIS A 147 -5.80 -9.26 1.93
N MET A 148 -6.84 -9.99 1.57
CA MET A 148 -8.16 -9.72 2.12
C MET A 148 -8.94 -11.03 2.14
N LEU A 149 -9.77 -11.21 3.17
CA LEU A 149 -10.57 -12.41 3.33
C LEU A 149 -11.96 -12.10 2.80
N GLY A 150 -12.36 -12.81 1.75
CA GLY A 150 -13.57 -12.43 1.03
C GLY A 150 -13.93 -13.21 -0.23
N GLU A 151 -15.18 -13.02 -0.62
CA GLU A 151 -15.68 -13.57 -1.87
C GLU A 151 -15.63 -12.49 -2.96
N PRO A 152 -14.71 -12.68 -3.91
CA PRO A 152 -14.50 -11.68 -4.96
C PRO A 152 -15.80 -11.45 -5.71
N GLN A 153 -16.55 -12.52 -6.00
CA GLN A 153 -17.72 -12.35 -6.86
C GLN A 153 -18.71 -11.31 -6.33
N THR A 154 -19.08 -11.39 -5.06
CA THR A 154 -19.98 -10.40 -4.45
C THR A 154 -19.32 -9.18 -3.80
N MET A 155 -17.99 -9.20 -3.68
CA MET A 155 -17.22 -8.19 -2.94
C MET A 155 -17.63 -8.09 -1.45
N GLN A 156 -18.12 -9.19 -0.88
CA GLN A 156 -18.43 -9.27 0.54
C GLN A 156 -17.18 -9.74 1.28
N VAL A 157 -16.60 -8.82 2.06
CA VAL A 157 -15.52 -9.06 3.03
C VAL A 157 -15.99 -10.15 4.00
N GLY A 158 -15.17 -11.17 4.21
CA GLY A 158 -15.46 -12.32 5.07
C GLY A 158 -15.11 -12.20 6.55
N GLU A 159 -15.44 -13.21 7.34
CA GLU A 159 -15.10 -13.26 8.77
C GLU A 159 -13.77 -14.02 8.94
N PRO A 160 -12.94 -13.67 9.94
CA PRO A 160 -11.61 -14.28 10.02
C PRO A 160 -11.68 -15.80 9.96
N ASP A 161 -10.66 -16.44 9.41
CA ASP A 161 -10.53 -17.89 9.42
C ASP A 161 -9.13 -18.29 8.96
N TYR A 162 -8.27 -18.73 9.88
CA TYR A 162 -6.84 -18.87 9.62
C TYR A 162 -6.29 -20.07 10.38
N GLY A 163 -5.29 -20.75 9.83
CA GLY A 163 -4.39 -21.58 10.63
C GLY A 163 -3.42 -20.69 11.39
N ASP A 164 -2.16 -20.61 10.99
CA ASP A 164 -1.33 -19.44 11.29
C ASP A 164 -1.63 -18.28 10.31
N VAL A 165 -2.06 -17.15 10.85
CA VAL A 165 -2.57 -16.05 10.02
C VAL A 165 -1.46 -15.48 9.14
N VAL A 166 -0.24 -15.59 9.67
CA VAL A 166 0.99 -15.13 9.05
C VAL A 166 1.38 -16.04 7.89
N THR A 167 1.34 -17.36 8.12
CA THR A 167 1.66 -18.35 7.10
C THR A 167 0.59 -18.09 6.04
N ASP A 168 -0.66 -17.99 6.46
CA ASP A 168 -1.77 -17.90 5.51
C ASP A 168 -1.69 -16.69 4.60
N VAL A 169 -1.36 -15.52 5.15
CA VAL A 169 -1.22 -14.28 4.39
C VAL A 169 -0.04 -14.34 3.41
N ARG A 170 1.09 -14.91 3.84
CA ARG A 170 2.23 -15.08 2.96
C ARG A 170 1.91 -16.04 1.84
N ASP A 171 1.40 -17.22 2.19
CA ASP A 171 0.87 -18.15 1.20
C ASP A 171 -0.02 -17.50 0.15
N PHE A 172 -1.04 -16.76 0.58
CA PHE A 172 -1.96 -16.11 -0.32
C PHE A 172 -1.28 -15.16 -1.28
N LEU A 173 -0.37 -14.34 -0.75
CA LEU A 173 0.29 -13.32 -1.53
C LEU A 173 1.29 -13.89 -2.50
N ALA A 174 1.87 -15.03 -2.15
CA ALA A 174 2.76 -15.78 -3.03
C ALA A 174 1.94 -16.31 -4.21
N ALA A 175 0.76 -16.85 -3.97
CA ALA A 175 -0.09 -17.26 -5.09
C ALA A 175 -0.38 -16.09 -6.05
N ARG A 176 -0.63 -14.90 -5.50
CA ARG A 176 -0.89 -13.71 -6.31
C ARG A 176 0.28 -13.10 -7.09
N ALA A 177 1.44 -13.07 -6.46
CA ALA A 177 2.69 -12.84 -7.16
C ALA A 177 2.92 -13.87 -8.26
N GLN A 178 2.62 -15.14 -8.05
CA GLN A 178 2.73 -16.13 -9.12
C GLN A 178 1.76 -15.82 -10.25
N ALA A 179 0.47 -15.69 -9.96
CA ALA A 179 -0.53 -15.27 -10.96
C ALA A 179 -0.08 -14.10 -11.83
N LEU A 180 0.40 -13.01 -11.22
CA LEU A 180 0.89 -11.86 -11.98
C LEU A 180 2.08 -12.23 -12.84
N ARG A 181 3.04 -12.97 -12.28
CA ARG A 181 4.23 -13.34 -13.03
C ARG A 181 3.96 -14.28 -14.21
N ASP A 182 2.92 -15.12 -14.06
CA ASP A 182 2.45 -16.06 -15.07
C ASP A 182 1.83 -15.36 -16.27
N ALA A 183 1.45 -14.09 -16.11
CA ALA A 183 0.86 -13.30 -17.18
C ALA A 183 1.83 -12.29 -17.80
N GLY A 184 3.09 -12.35 -17.40
CA GLY A 184 4.17 -11.56 -17.98
C GLY A 184 4.75 -10.51 -17.06
N VAL A 185 4.22 -10.36 -15.84
CA VAL A 185 4.63 -9.25 -14.96
C VAL A 185 5.97 -9.63 -14.37
N ALA A 186 6.96 -8.75 -14.47
CA ALA A 186 8.30 -9.02 -13.94
C ALA A 186 8.23 -8.92 -12.42
N ALA A 187 8.90 -9.83 -11.72
CA ALA A 187 8.91 -9.84 -10.26
C ALA A 187 9.15 -8.48 -9.61
N GLU A 188 9.93 -7.61 -10.24
CA GLU A 188 10.30 -6.39 -9.53
C GLU A 188 9.28 -5.27 -9.56
N ARG A 189 8.13 -5.43 -10.22
CA ARG A 189 7.08 -4.42 -10.25
C ARG A 189 6.06 -4.61 -9.15
N ILE A 190 6.24 -5.70 -8.40
CA ILE A 190 5.25 -6.20 -7.47
C ILE A 190 5.67 -6.01 -6.00
N CYS A 191 4.86 -5.28 -5.24
CA CYS A 191 5.05 -5.25 -3.79
C CYS A 191 3.77 -5.81 -3.16
N VAL A 192 3.80 -6.11 -1.87
CA VAL A 192 2.69 -6.80 -1.27
C VAL A 192 2.30 -6.11 0.02
N ASP A 193 1.12 -6.45 0.53
CA ASP A 193 0.48 -5.74 1.63
C ASP A 193 -0.37 -6.76 2.38
N PRO A 194 -0.12 -6.93 3.69
CA PRO A 194 -0.82 -7.88 4.55
C PRO A 194 -2.27 -7.48 4.85
N GLY A 195 -2.70 -6.27 4.52
CA GLY A 195 -4.10 -5.89 4.67
C GLY A 195 -4.59 -5.80 6.12
N PHE A 196 -3.95 -4.95 6.91
CA PHE A 196 -4.49 -4.68 8.23
C PHE A 196 -5.91 -4.18 8.03
N GLY A 197 -6.84 -4.76 8.80
CA GLY A 197 -8.26 -4.42 8.80
C GLY A 197 -9.15 -5.15 7.81
N PHE A 198 -8.65 -6.05 6.99
CA PHE A 198 -9.58 -6.64 6.02
C PHE A 198 -9.64 -8.14 6.33
N GLY A 199 -10.74 -8.56 6.96
CA GLY A 199 -10.92 -9.92 7.45
C GLY A 199 -10.05 -10.46 8.59
N LYS A 200 -9.67 -9.58 9.53
CA LYS A 200 -8.69 -9.95 10.53
C LYS A 200 -9.36 -9.73 11.89
N ALA A 201 -9.18 -10.56 12.92
CA ALA A 201 -9.71 -10.15 14.22
C ALA A 201 -9.06 -8.82 14.58
N VAL A 202 -9.80 -7.85 15.09
CA VAL A 202 -9.33 -6.47 15.18
C VAL A 202 -7.96 -6.27 15.84
N VAL A 203 -7.70 -7.01 16.92
CA VAL A 203 -6.42 -6.99 17.59
C VAL A 203 -5.64 -8.27 17.31
N ASP A 204 -6.22 -9.46 17.53
CA ASP A 204 -5.43 -10.67 17.59
CA ASP A 204 -5.40 -10.66 17.60
C ASP A 204 -4.72 -10.82 16.24
N ASP A 205 -5.41 -10.60 15.12
CA ASP A 205 -4.80 -10.98 13.83
C ASP A 205 -3.88 -9.92 13.25
N ASN A 206 -4.37 -8.68 13.30
CA ASN A 206 -3.63 -7.48 12.93
C ASN A 206 -2.30 -7.25 13.63
N TYR A 207 -2.28 -7.45 14.94
CA TYR A 207 -1.03 -7.22 15.64
C TYR A 207 -0.09 -8.41 15.48
N ALA A 208 -0.65 -9.62 15.39
CA ALA A 208 0.16 -10.79 15.01
C ALA A 208 0.95 -10.52 13.72
N LEU A 209 0.31 -9.90 12.72
CA LEU A 209 0.93 -9.59 11.42
C LEU A 209 1.92 -8.43 11.47
N LEU A 210 1.62 -7.49 12.35
CA LEU A 210 2.53 -6.37 12.54
C LEU A 210 3.75 -6.84 13.32
N ALA A 211 3.55 -7.68 14.33
CA ALA A 211 4.67 -8.25 15.09
C ALA A 211 5.56 -9.06 14.16
N ALA A 212 5.01 -9.79 13.19
CA ALA A 212 5.74 -10.72 12.34
C ALA A 212 6.01 -10.18 10.95
N LEU A 213 6.00 -8.86 10.80
CA LEU A 213 5.82 -8.23 9.47
C LEU A 213 6.71 -8.80 8.37
N PRO A 214 8.01 -9.05 8.60
CA PRO A 214 8.85 -9.47 7.49
C PRO A 214 8.55 -10.88 7.00
N ASP A 215 8.03 -11.69 7.92
CA ASP A 215 7.58 -13.03 7.60
C ASP A 215 6.24 -13.06 6.82
N THR A 216 5.63 -11.92 6.50
CA THR A 216 4.38 -11.92 5.75
C THR A 216 4.60 -11.73 4.25
N ALA A 217 5.84 -11.45 3.87
CA ALA A 217 6.15 -11.34 2.46
C ALA A 217 6.79 -12.60 1.91
N PRO A 218 6.27 -13.12 0.78
CA PRO A 218 6.86 -14.28 0.13
C PRO A 218 8.10 -13.88 -0.66
N ALA A 219 8.85 -14.88 -1.13
CA ALA A 219 10.12 -14.72 -1.85
C ALA A 219 9.97 -14.43 -3.34
N ARG A 220 10.72 -13.44 -3.81
CA ARG A 220 10.92 -13.21 -5.24
C ARG A 220 11.76 -14.35 -5.80
N PRO A 221 11.81 -14.50 -7.14
CA PRO A 221 12.64 -15.54 -7.72
C PRO A 221 14.11 -15.42 -7.34
N ASP A 222 14.63 -14.21 -7.18
CA ASP A 222 16.00 -14.01 -6.69
C ASP A 222 16.26 -14.38 -5.23
N GLY A 223 15.21 -14.71 -4.49
CA GLY A 223 15.35 -15.03 -3.06
C GLY A 223 15.07 -13.90 -2.09
N ARG A 224 15.17 -12.65 -2.55
CA ARG A 224 14.77 -11.49 -1.74
C ARG A 224 13.25 -11.45 -1.58
N ALA A 225 12.80 -10.94 -0.45
CA ALA A 225 11.37 -10.91 -0.20
C ALA A 225 10.79 -9.73 -0.99
N TYR A 226 9.54 -9.83 -1.41
CA TYR A 226 8.85 -8.70 -2.07
C TYR A 226 8.78 -7.52 -1.10
N PRO A 227 9.04 -6.29 -1.54
CA PRO A 227 8.89 -5.23 -0.54
C PRO A 227 7.44 -5.17 -0.07
N ILE A 228 7.26 -4.73 1.17
CA ILE A 228 5.96 -4.73 1.85
C ILE A 228 5.38 -3.31 1.88
N LEU A 229 4.09 -3.15 1.56
CA LEU A 229 3.45 -1.87 1.89
C LEU A 229 2.49 -2.09 3.04
N ALA A 230 2.40 -1.11 3.93
CA ALA A 230 1.70 -1.30 5.22
C ALA A 230 0.77 -0.11 5.39
N GLY A 231 -0.53 -0.30 5.56
CA GLY A 231 -1.42 0.85 5.73
C GLY A 231 -2.30 0.61 6.94
N MET A 232 -2.04 1.29 8.05
CA MET A 232 -2.71 1.09 9.35
C MET A 232 -3.35 2.41 9.79
N SER A 233 -3.20 3.46 8.99
CA SER A 233 -3.49 4.82 9.42
C SER A 233 -4.93 5.05 9.84
N ARG A 234 -5.14 5.48 11.08
CA ARG A 234 -6.50 5.74 11.60
C ARG A 234 -7.38 4.49 11.76
N LYS A 235 -6.79 3.30 11.69
CA LYS A 235 -7.59 2.08 11.62
C LYS A 235 -8.08 1.58 12.97
N SER A 236 -9.02 0.64 12.91
CA SER A 236 -9.67 0.09 14.09
C SER A 236 -8.74 -0.61 15.09
N MET A 237 -7.77 -1.37 14.60
CA MET A 237 -6.72 -1.98 15.39
C MET A 237 -6.04 -0.98 16.33
N LEU A 238 -6.23 0.30 16.02
CA LEU A 238 -5.59 1.37 16.73
C LEU A 238 -6.50 1.85 17.85
N GLY A 239 -7.76 2.08 17.49
CA GLY A 239 -8.80 2.62 18.37
C GLY A 239 -9.15 1.62 19.43
N ALA A 240 -8.88 0.36 19.14
CA ALA A 240 -9.21 -0.72 20.07
C ALA A 240 -8.19 -0.82 21.22
N VAL A 241 -6.96 -0.33 21.02
CA VAL A 241 -5.94 -0.36 22.04
C VAL A 241 -5.79 0.97 22.77
N ILE A 242 -6.56 1.98 22.38
CA ILE A 242 -6.45 3.27 23.05
C ILE A 242 -7.78 3.69 23.70
N GLY A 243 -8.58 2.67 24.04
CA GLY A 243 -9.88 2.89 24.68
C GLY A 243 -10.91 3.53 23.78
N GLY A 244 -10.87 3.21 22.49
CA GLY A 244 -11.96 3.55 21.59
C GLY A 244 -12.09 4.95 21.00
N LYS A 245 -11.01 5.73 20.99
CA LYS A 245 -11.07 7.03 20.32
C LYS A 245 -11.55 6.96 18.86
N PRO A 246 -12.25 8.02 18.40
CA PRO A 246 -12.75 8.21 17.04
C PRO A 246 -11.68 8.27 15.95
N PRO A 247 -12.05 8.02 14.68
CA PRO A 247 -11.02 7.90 13.65
C PRO A 247 -10.03 9.06 13.57
N LEU A 248 -10.50 10.29 13.77
CA LEU A 248 -9.65 11.46 13.74
C LEU A 248 -8.81 11.72 14.98
N GLU A 249 -9.00 10.95 16.05
CA GLU A 249 -8.25 11.10 17.30
C GLU A 249 -7.19 10.01 17.49
N ARG A 250 -6.58 9.59 16.38
CA ARG A 250 -5.70 8.43 16.37
C ARG A 250 -4.33 8.72 15.76
N VAL A 251 -3.98 10.01 15.73
CA VAL A 251 -2.73 10.43 15.09
C VAL A 251 -1.48 9.78 15.72
N ALA A 252 -1.35 9.89 17.04
CA ALA A 252 -0.12 9.44 17.66
C ALA A 252 -0.06 7.92 17.64
N ALA A 253 -1.24 7.31 17.75
CA ALA A 253 -1.41 5.87 17.54
C ALA A 253 -0.96 5.46 16.13
N SER A 254 -1.34 6.24 15.11
CA SER A 254 -1.04 5.94 13.71
C SER A 254 0.45 6.06 13.44
N VAL A 255 1.03 7.15 13.92
CA VAL A 255 2.49 7.27 13.88
C VAL A 255 3.24 6.11 14.50
N ALA A 256 2.83 5.71 15.69
CA ALA A 256 3.41 4.57 16.40
C ALA A 256 3.34 3.30 15.54
N ALA A 257 2.17 2.94 15.02
CA ALA A 257 2.09 1.78 14.11
C ALA A 257 3.04 1.87 12.90
N ALA A 258 3.17 3.05 12.32
CA ALA A 258 4.13 3.22 11.23
C ALA A 258 5.57 2.93 11.63
N LEU A 259 5.98 3.39 12.82
CA LEU A 259 7.36 3.18 13.25
C LEU A 259 7.58 1.71 13.52
N CYS A 260 6.62 1.09 14.22
CA CYS A 260 6.73 -0.34 14.47
C CYS A 260 6.88 -1.09 13.15
N ALA A 261 6.08 -0.68 12.16
CA ALA A 261 6.12 -1.32 10.85
C ALA A 261 7.49 -1.10 10.23
N VAL A 262 8.01 0.13 10.28
CA VAL A 262 9.32 0.31 9.64
C VAL A 262 10.46 -0.32 10.42
N GLU A 263 10.30 -0.42 11.74
CA GLU A 263 11.31 -0.99 12.59
C GLU A 263 11.35 -2.46 12.18
N ARG A 264 10.21 -3.00 11.76
CA ARG A 264 10.11 -4.40 11.36
C ARG A 264 10.07 -4.57 9.83
N GLY A 265 10.80 -3.83 9.02
CA GLY A 265 10.82 -4.27 7.63
C GLY A 265 10.05 -3.55 6.53
N ALA A 266 9.02 -2.76 6.85
CA ALA A 266 8.25 -2.14 5.80
C ALA A 266 9.09 -1.26 4.87
N ALA A 267 8.83 -1.41 3.57
CA ALA A 267 9.36 -0.54 2.51
C ALA A 267 8.60 0.77 2.40
N ILE A 268 7.27 0.72 2.46
CA ILE A 268 6.38 1.89 2.33
C ILE A 268 5.26 1.90 3.40
N VAL A 269 4.82 3.07 3.84
CA VAL A 269 3.73 3.14 4.81
C VAL A 269 2.76 4.17 4.27
N ARG A 270 1.49 3.81 4.22
CA ARG A 270 0.45 4.62 3.62
C ARG A 270 -0.25 5.36 4.77
N VAL A 271 -0.27 6.70 4.83
CA VAL A 271 -0.77 7.40 6.01
C VAL A 271 -1.63 8.62 5.70
N HIS A 272 -2.55 9.01 6.58
CA HIS A 272 -3.24 10.29 6.39
C HIS A 272 -2.42 11.46 6.92
N ASP A 273 -1.63 11.20 7.97
CA ASP A 273 -0.93 12.28 8.67
C ASP A 273 0.54 12.30 8.27
N VAL A 274 0.79 12.94 7.14
CA VAL A 274 2.09 12.95 6.48
C VAL A 274 3.27 13.60 7.23
N ALA A 275 3.14 14.87 7.61
CA ALA A 275 4.23 15.53 8.35
C ALA A 275 4.58 14.82 9.65
N ALA A 276 3.59 14.39 10.42
CA ALA A 276 3.85 13.67 11.66
C ALA A 276 4.67 12.40 11.41
N THR A 277 4.30 11.67 10.35
CA THR A 277 4.96 10.43 9.96
C THR A 277 6.39 10.65 9.47
N VAL A 278 6.57 11.72 8.72
CA VAL A 278 7.91 12.09 8.26
C VAL A 278 8.78 12.51 9.45
N ASP A 279 8.27 13.37 10.34
CA ASP A 279 8.98 13.74 11.57
C ASP A 279 9.44 12.49 12.32
N ALA A 280 8.51 11.58 12.60
CA ALA A 280 8.82 10.33 13.28
C ALA A 280 9.91 9.54 12.61
N LEU A 281 9.78 9.37 11.30
CA LEU A 281 10.76 8.58 10.55
C LEU A 281 12.10 9.27 10.42
N SER A 282 12.09 10.60 10.47
CA SER A 282 13.36 11.31 10.59
C SER A 282 14.08 11.01 11.92
N VAL A 283 13.34 10.80 13.01
CA VAL A 283 13.97 10.36 14.27
C VAL A 283 14.51 8.93 14.15
N TRP A 284 13.66 8.04 13.66
CA TRP A 284 14.06 6.65 13.46
C TRP A 284 15.29 6.54 12.56
N ASN A 285 15.33 7.25 11.44
CA ASN A 285 16.52 7.20 10.59
C ASN A 285 17.83 7.73 11.18
N ALA A 286 17.77 8.82 11.94
CA ALA A 286 18.90 9.20 12.81
C ALA A 286 19.41 8.08 13.69
N VAL A 287 18.51 7.30 14.28
CA VAL A 287 18.84 6.21 15.22
C VAL A 287 19.54 5.10 14.45
N ARG A 288 18.86 4.55 13.45
CA ARG A 288 19.52 3.63 12.52
C ARG A 288 20.83 4.18 11.97
N ALA A 289 20.90 5.46 11.61
CA ALA A 289 22.17 5.97 11.11
C ALA A 289 23.32 5.82 12.10
N ALA A 290 23.00 5.78 13.40
CA ALA A 290 24.00 5.71 14.47
C ALA A 290 24.28 4.28 14.87
N ALA A 291 23.29 3.40 14.77
CA ALA A 291 23.50 1.96 14.96
C ALA A 291 24.41 1.36 13.88
N ARG A 292 24.43 1.99 12.70
CA ARG A 292 25.36 1.69 11.62
C ARG A 292 26.77 2.25 11.80
N GLN A 293 26.89 3.39 12.47
CA GLN A 293 28.18 4.00 12.77
C GLN A 293 28.88 3.29 13.93
N ARG A 294 28.56 2.02 14.16
CA ARG A 294 29.22 1.26 15.21
C ARG A 294 29.33 -0.22 14.82
C1 EDO B . -6.91 -16.74 2.69
O1 EDO B . -6.06 -16.23 3.73
C2 EDO B . -7.54 -15.58 1.94
O2 EDO B . -8.34 -16.04 0.85
C1 EDO C . -1.32 8.43 10.38
O1 EDO C . -2.03 9.32 9.53
C2 EDO C . 0.17 8.67 10.26
O2 EDO C . 0.88 7.44 10.44
C1 EDO D . 11.08 9.65 5.63
O1 EDO D . 9.82 10.34 5.66
C2 EDO D . 10.90 8.13 5.71
O2 EDO D . 12.10 7.44 5.39
C1 EDO E . 3.69 5.87 -15.60
O1 EDO E . 2.49 6.31 -14.96
C2 EDO E . 3.78 4.35 -15.79
O2 EDO E . 5.07 4.06 -16.33
#